data_7GSK
#
_entry.id   7GSK
#
_cell.length_a   89.847
_cell.length_b   89.847
_cell.length_c   106.604
_cell.angle_alpha   90.000
_cell.angle_beta   90.000
_cell.angle_gamma   120.000
#
_symmetry.space_group_name_H-M   'P 31 2 1'
#
loop_
_entity.id
_entity.type
_entity.pdbx_description
1 polymer 'Tyrosine-protein phosphatase non-receptor type 1'
2 non-polymer 2-AMINO-2-HYDROXYMETHYL-PROPANE-1,3-DIOL
3 non-polymer 1-(diphenylmethyl)azetidin-3-ol
4 water water
#
_entity_poly.entity_id   1
_entity_poly.type   'polypeptide(L)'
_entity_poly.pdbx_seq_one_letter_code
;MEMEKEFEQIDKSGSWAAIYQDIRHEASDFPSRVAKLPKNKNRNRYRDVSPFDHSRIKLHQEDNDYINASLIKMEEAQRS
YILTQGPLPNTVGHFWEMVWEQKSRGVVMLNRVMEKGSLKCAQYWPQKEEKEMIFEDTNLKLTLISEDIKSYYTVRQLEL
ENLTTQETREILHFHYTTWPDFGVPESPASFLNFLFKVRESGSLSPEHGPVVVHCSAGIGRSGTFCLADTCLLLMDKRKD
PSSVDIKKVLLEMRKFRMGLIQTADQLRFSYLAVIEGAKFIMGDSSVQDQWKELSHEDLEPPPEHIPPPPRPPKRILEPH
N
;
_entity_poly.pdbx_strand_id   A
#
loop_
_chem_comp.id
_chem_comp.type
_chem_comp.name
_chem_comp.formula
TRS non-polymer 2-AMINO-2-HYDROXYMETHYL-PROPANE-1,3-DIOL 'C4 H12 N O3 1'
UXG non-polymer 1-(diphenylmethyl)azetidin-3-ol 'C16 H17 N O'
#
# COMPACT_ATOMS: atom_id res chain seq x y z
N MET A 1 13.35 -18.29 -15.57
CA MET A 1 14.38 -18.81 -14.61
C MET A 1 13.81 -18.81 -13.18
N GLU A 2 13.72 -20.00 -12.56
CA GLU A 2 13.23 -20.22 -11.17
C GLU A 2 13.86 -19.16 -10.23
N MET A 3 13.01 -18.45 -9.47
CA MET A 3 13.43 -17.19 -8.80
C MET A 3 14.39 -17.47 -7.63
N GLU A 4 14.31 -18.63 -6.95
CA GLU A 4 15.26 -18.93 -5.84
C GLU A 4 16.67 -19.11 -6.43
N LYS A 5 16.78 -19.49 -7.71
CA LYS A 5 18.11 -19.67 -8.37
C LYS A 5 18.59 -18.29 -8.82
N GLU A 6 17.71 -17.50 -9.45
CA GLU A 6 18.05 -16.10 -9.80
C GLU A 6 18.53 -15.41 -8.51
N PHE A 7 17.88 -15.73 -7.38
CA PHE A 7 18.12 -15.09 -6.05
C PHE A 7 19.52 -15.45 -5.55
N GLU A 8 19.85 -16.75 -5.52
CA GLU A 8 21.17 -17.23 -5.03
C GLU A 8 22.28 -16.65 -5.93
N GLN A 9 22.06 -16.61 -7.25
CA GLN A 9 23.01 -16.04 -8.26
C GLN A 9 23.30 -14.56 -7.97
N ILE A 10 22.26 -13.76 -7.66
CA ILE A 10 22.45 -12.30 -7.38
C ILE A 10 23.17 -12.17 -6.01
N ASP A 11 22.81 -13.01 -5.03
CA ASP A 11 23.38 -12.90 -3.66
C ASP A 11 24.87 -13.28 -3.71
N LYS A 12 25.20 -14.38 -4.36
CA LYS A 12 26.60 -14.85 -4.45
C LYS A 12 27.43 -13.79 -5.21
N SER A 13 26.84 -13.15 -6.22
CA SER A 13 27.55 -12.12 -7.03
C SER A 13 27.47 -10.74 -6.37
N GLY A 14 26.65 -10.58 -5.31
CA GLY A 14 26.40 -9.28 -4.65
C GLY A 14 26.01 -8.21 -5.65
N SER A 15 25.06 -8.46 -6.53
CA SER A 15 24.66 -7.50 -7.60
C SER A 15 23.28 -6.87 -7.37
N TRP A 16 22.76 -6.86 -6.13
CA TRP A 16 21.43 -6.26 -5.85
C TRP A 16 21.40 -4.80 -6.35
N ALA A 17 22.44 -4.02 -6.07
CA ALA A 17 22.47 -2.60 -6.42
C ALA A 17 22.34 -2.44 -7.94
N ALA A 18 22.98 -3.33 -8.70
CA ALA A 18 23.01 -3.27 -10.18
C ALA A 18 21.64 -3.66 -10.77
N ILE A 19 21.00 -4.73 -10.30
CA ILE A 19 19.61 -5.09 -10.71
C ILE A 19 18.69 -3.89 -10.44
N TYR A 20 18.76 -3.33 -9.22
CA TYR A 20 17.83 -2.26 -8.76
C TYR A 20 17.98 -1.06 -9.70
N GLN A 21 19.22 -0.68 -10.03
CA GLN A 21 19.45 0.50 -10.89
C GLN A 21 18.92 0.22 -12.31
N ASP A 22 19.01 -1.01 -12.83
CA ASP A 22 18.43 -1.40 -14.16
C ASP A 22 16.89 -1.14 -14.17
N ILE A 23 16.21 -1.55 -13.10
CA ILE A 23 14.75 -1.26 -12.90
C ILE A 23 14.50 0.26 -12.93
N ARG A 24 15.25 1.02 -12.13
CA ARG A 24 15.10 2.49 -12.09
C ARG A 24 15.23 3.06 -13.51
N HIS A 25 16.15 2.55 -14.30
CA HIS A 25 16.47 3.07 -15.65
C HIS A 25 15.34 2.75 -16.65
N GLU A 26 14.71 1.59 -16.58
CA GLU A 26 13.64 1.13 -17.53
C GLU A 26 12.23 1.55 -17.10
N ALA A 27 12.06 2.09 -15.89
CA ALA A 27 10.74 2.45 -15.30
C ALA A 27 10.10 3.53 -16.15
N SER A 28 8.78 3.48 -16.25
CA SER A 28 7.94 4.46 -16.97
C SER A 28 8.11 5.87 -16.42
N ASP A 29 7.92 6.85 -17.31
CA ASP A 29 7.85 8.27 -16.93
C ASP A 29 6.62 8.89 -17.60
N PHE A 30 5.62 9.26 -16.80
CA PHE A 30 4.37 9.87 -17.28
C PHE A 30 4.25 11.21 -16.57
N PRO A 31 3.48 12.15 -17.13
CA PRO A 31 3.25 13.44 -16.50
C PRO A 31 2.44 13.34 -15.17
N SER A 32 2.80 14.23 -14.23
CA SER A 32 2.13 14.49 -12.94
C SER A 32 1.82 15.97 -12.82
N ARG A 33 1.14 16.53 -13.81
CA ARG A 33 0.92 18.00 -13.85
C ARG A 33 -0.04 18.43 -12.74
N VAL A 34 -1.09 17.66 -12.44
CA VAL A 34 -2.07 18.11 -11.41
C VAL A 34 -1.35 18.21 -10.03
N ALA A 35 -0.54 17.22 -9.68
CA ALA A 35 0.21 17.15 -8.38
C ALA A 35 1.08 18.40 -8.22
N LYS A 36 1.61 18.96 -9.31
CA LYS A 36 2.58 20.10 -9.24
C LYS A 36 1.87 21.45 -9.30
N LEU A 37 0.55 21.55 -9.44
CA LEU A 37 -0.16 22.87 -9.40
C LEU A 37 0.13 23.53 -8.04
N PRO A 38 0.36 24.86 -8.02
CA PRO A 38 0.61 25.56 -6.76
C PRO A 38 -0.49 25.38 -5.69
N LYS A 39 -1.77 25.34 -6.07
CA LYS A 39 -2.91 25.11 -5.14
C LYS A 39 -2.75 23.75 -4.39
N ASN A 40 -1.87 22.82 -4.82
CA ASN A 40 -1.80 21.44 -4.24
C ASN A 40 -0.52 21.24 -3.44
N LYS A 41 0.26 22.30 -3.22
CA LYS A 41 1.57 22.12 -2.58
C LYS A 41 1.41 21.55 -1.16
N ASN A 42 0.42 22.01 -0.40
CA ASN A 42 0.20 21.50 0.98
C ASN A 42 -0.58 20.17 0.96
N ARG A 43 -0.85 19.53 -0.19
CA ARG A 43 -1.52 18.20 -0.25
C ARG A 43 -0.49 17.11 -0.52
N ASN A 44 0.78 17.46 -0.64
CA ASN A 44 1.89 16.52 -0.93
C ASN A 44 2.87 16.48 0.23
N ARG A 45 3.16 15.31 0.74
CA ARG A 45 4.11 15.11 1.85
C ARG A 45 5.52 15.31 1.32
N TYR A 46 5.85 14.77 0.14
CA TYR A 46 7.24 14.78 -0.40
C TYR A 46 7.20 15.36 -1.82
N ARG A 47 8.08 16.32 -2.07
CA ARG A 47 8.13 17.06 -3.37
C ARG A 47 8.46 16.10 -4.53
N ASP A 48 9.19 15.04 -4.26
CA ASP A 48 9.67 14.09 -5.30
C ASP A 48 8.76 12.83 -5.41
N VAL A 49 7.58 12.79 -4.79
CA VAL A 49 6.67 11.60 -4.90
C VAL A 49 5.29 12.12 -5.25
N SER A 50 4.87 11.93 -6.51
CA SER A 50 3.60 12.41 -7.07
C SER A 50 2.91 11.28 -7.80
N PRO A 51 1.57 11.30 -7.82
CA PRO A 51 0.82 10.39 -8.67
C PRO A 51 0.83 10.88 -10.14
N PHE A 52 0.94 9.94 -11.07
CA PHE A 52 0.75 10.23 -12.53
C PHE A 52 -0.67 10.73 -12.76
N ASP A 53 -0.83 11.67 -13.70
CA ASP A 53 -2.18 12.15 -14.08
C ASP A 53 -3.05 10.99 -14.58
N HIS A 54 -2.53 10.02 -15.32
CA HIS A 54 -3.43 9.03 -15.98
C HIS A 54 -4.08 8.09 -14.93
N SER A 55 -3.42 7.85 -13.80
CA SER A 55 -3.85 6.80 -12.82
C SER A 55 -4.23 7.44 -11.46
N ARG A 56 -4.26 8.77 -11.34
CA ARG A 56 -4.54 9.41 -10.01
C ARG A 56 -5.99 9.16 -9.61
N ILE A 57 -6.23 8.99 -8.29
CA ILE A 57 -7.61 8.98 -7.73
C ILE A 57 -8.14 10.40 -7.65
N LYS A 58 -9.33 10.63 -8.24
CA LYS A 58 -10.06 11.90 -8.15
C LYS A 58 -11.11 11.87 -7.01
N LEU A 59 -11.02 12.86 -6.14
CA LEU A 59 -12.10 13.15 -5.15
C LEU A 59 -13.33 13.68 -5.90
N HIS A 60 -14.53 13.30 -5.44
CA HIS A 60 -15.83 13.63 -6.10
C HIS A 60 -16.28 14.97 -5.51
N GLN A 61 -15.55 16.02 -5.78
CA GLN A 61 -15.98 17.41 -5.44
C GLN A 61 -15.42 18.35 -6.51
N GLU A 62 -16.13 19.44 -6.73
CA GLU A 62 -15.89 20.40 -7.85
C GLU A 62 -14.78 21.37 -7.45
N ASP A 63 -14.68 21.71 -6.16
CA ASP A 63 -13.65 22.62 -5.56
C ASP A 63 -12.26 22.20 -6.05
N ASN A 64 -11.70 21.13 -5.47
CA ASN A 64 -10.35 20.61 -5.79
C ASN A 64 -10.41 19.09 -5.66
N ASP A 65 -10.19 18.36 -6.75
CA ASP A 65 -10.39 16.88 -6.78
C ASP A 65 -9.09 16.16 -6.41
N TYR A 66 -8.07 16.86 -5.94
CA TYR A 66 -6.70 16.29 -5.88
C TYR A 66 -6.42 15.58 -4.52
N ILE A 67 -5.85 14.38 -4.60
CA ILE A 67 -5.20 13.65 -3.48
C ILE A 67 -3.98 12.92 -4.03
N ASN A 68 -2.96 12.78 -3.21
CA ASN A 68 -1.74 12.01 -3.57
C ASN A 68 -2.04 10.51 -3.40
N ALA A 69 -2.63 9.92 -4.43
CA ALA A 69 -3.10 8.53 -4.46
C ALA A 69 -3.20 8.05 -5.92
N SER A 70 -2.87 6.78 -6.15
CA SER A 70 -2.82 6.13 -7.49
C SER A 70 -3.58 4.81 -7.47
N LEU A 71 -4.31 4.50 -8.57
CA LEU A 71 -4.93 3.17 -8.81
C LEU A 71 -3.99 2.26 -9.56
N ILE A 72 -3.51 1.20 -8.93
CA ILE A 72 -2.66 0.16 -9.53
C ILE A 72 -3.63 -0.97 -9.99
N LYS A 73 -3.82 -1.15 -11.32
CA LYS A 73 -4.75 -2.18 -11.86
C LYS A 73 -3.99 -3.32 -12.49
N MET A 74 -3.96 -4.51 -11.87
CA MET A 74 -3.17 -5.66 -12.36
C MET A 74 -4.13 -6.58 -13.16
N GLU A 75 -4.06 -6.51 -14.49
CA GLU A 75 -5.08 -7.08 -15.41
C GLU A 75 -5.06 -8.61 -15.31
N GLU A 76 -3.91 -9.24 -15.45
CA GLU A 76 -3.78 -10.73 -15.44
C GLU A 76 -4.09 -11.31 -14.06
N ALA A 77 -3.56 -10.70 -12.99
CA ALA A 77 -3.84 -11.14 -11.60
C ALA A 77 -5.29 -10.84 -11.18
N GLN A 78 -6.01 -9.89 -11.83
CA GLN A 78 -7.39 -9.50 -11.45
C GLN A 78 -7.37 -8.94 -10.01
N ARG A 79 -6.40 -8.08 -9.69
CA ARG A 79 -6.37 -7.35 -8.40
C ARG A 79 -6.20 -5.87 -8.68
N SER A 80 -6.83 -5.00 -7.87
CA SER A 80 -6.61 -3.53 -7.88
C SER A 80 -6.18 -3.07 -6.47
N TYR A 81 -5.32 -2.08 -6.39
CA TYR A 81 -4.85 -1.48 -5.11
C TYR A 81 -4.83 0.02 -5.32
N ILE A 82 -5.19 0.77 -4.28
CA ILE A 82 -4.91 2.23 -4.24
C ILE A 82 -3.71 2.39 -3.33
N LEU A 83 -2.60 2.97 -3.84
CA LEU A 83 -1.42 3.31 -3.04
C LEU A 83 -1.41 4.83 -2.80
N THR A 84 -1.24 5.25 -1.55
CA THR A 84 -1.35 6.68 -1.16
C THR A 84 -0.26 6.98 -0.12
N GLN A 85 0.01 8.26 0.09
CA GLN A 85 0.95 8.72 1.15
C GLN A 85 0.20 8.59 2.50
N GLY A 86 0.95 8.58 3.59
CA GLY A 86 0.35 8.79 4.91
C GLY A 86 -0.32 10.17 4.95
N PRO A 87 -1.58 10.25 5.41
CA PRO A 87 -2.28 11.52 5.40
C PRO A 87 -1.56 12.61 6.23
N LEU A 88 -1.73 13.83 5.76
CA LEU A 88 -1.23 15.07 6.41
C LEU A 88 -2.38 15.64 7.26
N PRO A 89 -2.04 16.53 8.22
CA PRO A 89 -3.05 17.18 9.05
C PRO A 89 -4.15 17.82 8.21
N ASN A 90 -3.80 18.38 7.05
CA ASN A 90 -4.86 19.03 6.23
C ASN A 90 -5.48 18.05 5.20
N THR A 91 -5.05 16.80 5.07
CA THR A 91 -5.65 15.84 4.11
C THR A 91 -6.33 14.63 4.79
N VAL A 92 -6.52 14.64 6.12
CA VAL A 92 -7.20 13.49 6.79
C VAL A 92 -8.65 13.39 6.29
N GLY A 93 -9.35 14.50 6.08
CA GLY A 93 -10.73 14.46 5.60
C GLY A 93 -10.81 13.96 4.15
N HIS A 94 -9.84 14.34 3.31
CA HIS A 94 -9.72 13.86 1.90
C HIS A 94 -9.52 12.35 1.88
N PHE A 95 -8.60 11.86 2.73
CA PHE A 95 -8.32 10.41 2.89
C PHE A 95 -9.62 9.62 3.08
N TRP A 96 -10.46 10.00 4.06
CA TRP A 96 -11.67 9.22 4.39
C TRP A 96 -12.73 9.44 3.30
N GLU A 97 -12.77 10.60 2.67
CA GLU A 97 -13.64 10.84 1.50
C GLU A 97 -13.31 9.81 0.39
N MET A 98 -12.01 9.62 0.10
CA MET A 98 -11.54 8.64 -0.92
C MET A 98 -11.99 7.23 -0.53
N VAL A 99 -11.76 6.81 0.73
CA VAL A 99 -12.17 5.46 1.19
C VAL A 99 -13.68 5.28 0.91
N TRP A 100 -14.49 6.29 1.25
CA TRP A 100 -15.96 6.28 1.11
C TRP A 100 -16.30 6.15 -0.39
N GLU A 101 -15.76 7.08 -1.19
CA GLU A 101 -16.12 7.19 -2.66
C GLU A 101 -15.68 5.97 -3.46
N GLN A 102 -14.56 5.36 -3.10
CA GLN A 102 -14.01 4.19 -3.84
C GLN A 102 -14.58 2.86 -3.33
N LYS A 103 -15.37 2.86 -2.24
CA LYS A 103 -16.06 1.66 -1.66
C LYS A 103 -15.09 0.65 -1.10
N SER A 104 -13.94 1.12 -0.62
CA SER A 104 -12.94 0.26 -0.01
C SER A 104 -13.51 -0.39 1.28
N ARG A 105 -13.10 -1.61 1.54
CA ARG A 105 -13.41 -2.41 2.76
C ARG A 105 -12.25 -2.30 3.77
N GLY A 106 -11.00 -2.19 3.31
CA GLY A 106 -9.80 -2.30 4.16
C GLY A 106 -8.86 -1.14 3.91
N VAL A 107 -8.15 -0.75 4.96
CA VAL A 107 -6.97 0.18 4.91
C VAL A 107 -5.80 -0.59 5.47
N VAL A 108 -4.68 -0.63 4.76
CA VAL A 108 -3.42 -1.29 5.18
C VAL A 108 -2.37 -0.21 5.49
N MET A 109 -1.86 -0.18 6.72
CA MET A 109 -0.90 0.84 7.23
C MET A 109 0.41 0.11 7.57
N LEU A 110 1.53 0.48 6.95
CA LEU A 110 2.81 -0.27 7.11
C LEU A 110 3.84 0.56 7.92
N ASN A 111 3.43 1.66 8.50
CA ASN A 111 4.37 2.54 9.28
C ASN A 111 3.80 2.79 10.67
N ARG A 112 4.63 3.33 11.58
CA ARG A 112 4.16 3.94 12.85
C ARG A 112 4.01 5.45 12.63
N VAL A 113 3.15 6.10 13.42
CA VAL A 113 2.90 7.55 13.35
C VAL A 113 4.22 8.33 13.59
N MET A 114 5.05 7.88 14.54
CA MET A 114 6.39 8.45 14.73
C MET A 114 7.43 7.37 14.43
N GLU A 115 8.41 7.70 13.58
CA GLU A 115 9.60 6.82 13.39
C GLU A 115 10.83 7.74 13.26
N LYS A 116 11.98 7.28 13.76
CA LYS A 116 13.23 8.08 13.73
C LYS A 116 13.02 9.46 14.41
N GLY A 117 12.15 9.55 15.40
CA GLY A 117 11.90 10.82 16.13
C GLY A 117 11.13 11.89 15.37
N SER A 118 10.49 11.56 14.24
CA SER A 118 9.75 12.54 13.41
C SER A 118 8.36 12.00 13.08
N LEU A 119 7.43 12.85 12.71
CA LEU A 119 6.06 12.36 12.41
C LEU A 119 6.04 11.85 10.95
N LYS A 120 5.60 10.62 10.72
CA LYS A 120 5.53 10.01 9.38
C LYS A 120 4.11 10.07 8.78
N CYS A 121 3.08 10.27 9.62
CA CYS A 121 1.70 10.52 9.16
C CYS A 121 0.84 10.96 10.35
N ALA A 122 -0.26 11.61 10.03
CA ALA A 122 -1.19 12.18 11.03
C ALA A 122 -1.86 11.02 11.80
N GLN A 123 -2.33 11.29 13.02
CA GLN A 123 -3.13 10.34 13.82
C GLN A 123 -4.54 10.42 13.23
N TYR A 124 -4.87 9.62 12.19
CA TYR A 124 -6.03 9.85 11.32
C TYR A 124 -7.23 8.96 11.74
N TRP A 125 -7.08 8.13 12.79
CA TRP A 125 -8.18 7.28 13.29
C TRP A 125 -8.28 7.43 14.82
N PRO A 126 -9.48 7.19 15.41
CA PRO A 126 -9.68 7.38 16.87
C PRO A 126 -9.07 6.25 17.70
N GLN A 127 -8.54 6.63 18.85
CA GLN A 127 -7.80 5.68 19.72
C GLN A 127 -8.71 5.15 20.84
N LYS A 128 -9.84 5.79 21.07
CA LYS A 128 -10.80 5.37 22.12
C LYS A 128 -12.21 5.32 21.56
N GLU A 129 -12.95 4.28 21.95
CA GLU A 129 -14.36 4.07 21.51
C GLU A 129 -15.16 5.35 21.73
N GLU A 130 -15.05 5.93 22.93
CA GLU A 130 -15.97 7.02 23.31
C GLU A 130 -15.51 8.39 22.78
N LYS A 131 -14.41 8.49 22.05
CA LYS A 131 -13.94 9.78 21.47
C LYS A 131 -13.87 9.68 19.92
N GLU A 132 -15.01 9.80 19.25
CA GLU A 132 -15.08 9.65 17.78
C GLU A 132 -14.42 10.88 17.11
N MET A 133 -14.21 10.83 15.79
CA MET A 133 -13.61 11.93 15.01
C MET A 133 -14.63 12.36 13.98
N ILE A 134 -14.80 13.67 13.86
CA ILE A 134 -15.64 14.28 12.82
C ILE A 134 -14.72 15.09 11.89
N PHE A 135 -14.87 14.90 10.57
CA PHE A 135 -14.12 15.61 9.50
C PHE A 135 -15.11 16.59 8.87
N GLU A 136 -15.08 17.86 9.29
CA GLU A 136 -16.14 18.84 8.93
C GLU A 136 -16.01 19.20 7.44
N ASP A 137 -14.78 19.24 6.90
CA ASP A 137 -14.53 19.60 5.49
C ASP A 137 -15.21 18.57 4.56
N THR A 138 -15.27 17.26 4.88
CA THR A 138 -15.84 16.22 3.97
C THR A 138 -17.14 15.62 4.52
N ASN A 139 -17.59 16.07 5.71
CA ASN A 139 -18.88 15.62 6.32
C ASN A 139 -18.89 14.12 6.63
N LEU A 140 -17.85 13.61 7.30
CA LEU A 140 -17.74 12.18 7.72
C LEU A 140 -17.53 12.09 9.24
N LYS A 141 -17.99 10.98 9.82
CA LYS A 141 -17.75 10.60 11.23
C LYS A 141 -17.12 9.22 11.24
N LEU A 142 -16.12 9.05 12.09
CA LEU A 142 -15.31 7.83 12.21
C LEU A 142 -15.27 7.43 13.71
N THR A 143 -15.72 6.24 14.01
CA THR A 143 -15.73 5.66 15.39
C THR A 143 -14.93 4.39 15.47
N LEU A 144 -14.13 4.25 16.53
CA LEU A 144 -13.46 2.97 16.84
C LEU A 144 -14.47 1.99 17.46
N ILE A 145 -14.60 0.80 16.85
CA ILE A 145 -15.60 -0.23 17.26
C ILE A 145 -14.89 -1.26 18.11
N SER A 146 -13.71 -1.69 17.73
CA SER A 146 -12.93 -2.72 18.46
C SER A 146 -11.49 -2.68 17.97
N GLU A 147 -10.60 -3.25 18.75
CA GLU A 147 -9.14 -3.24 18.51
C GLU A 147 -8.62 -4.61 18.97
N ASP A 148 -7.81 -5.28 18.16
CA ASP A 148 -7.14 -6.58 18.48
C ASP A 148 -5.62 -6.39 18.30
N ILE A 149 -4.88 -6.24 19.40
CA ILE A 149 -3.42 -5.98 19.39
C ILE A 149 -2.63 -7.29 19.49
N LYS A 150 -1.84 -7.61 18.48
CA LYS A 150 -0.98 -8.81 18.44
C LYS A 150 0.46 -8.34 18.44
N SER A 151 1.39 -9.30 18.44
CA SER A 151 2.84 -9.02 18.62
C SER A 151 3.39 -8.24 17.42
N TYR A 152 2.90 -8.49 16.20
CA TYR A 152 3.52 -7.93 14.97
C TYR A 152 2.57 -6.98 14.21
N TYR A 153 1.28 -7.00 14.54
CA TYR A 153 0.23 -6.21 13.85
C TYR A 153 -0.97 -6.03 14.79
N THR A 154 -1.77 -5.00 14.53
CA THR A 154 -3.04 -4.69 15.21
C THR A 154 -4.14 -4.64 14.14
N VAL A 155 -5.31 -5.21 14.38
CA VAL A 155 -6.50 -5.08 13.52
C VAL A 155 -7.57 -4.29 14.24
N ARG A 156 -8.09 -3.29 13.61
CA ARG A 156 -9.18 -2.44 14.17
C ARG A 156 -10.42 -2.55 13.31
N GLN A 157 -11.59 -2.61 13.96
CA GLN A 157 -12.88 -2.37 13.32
C GLN A 157 -13.29 -0.92 13.50
N LEU A 158 -13.59 -0.21 12.41
CA LEU A 158 -14.02 1.21 12.40
C LEU A 158 -15.39 1.33 11.76
N GLU A 159 -16.17 2.31 12.18
CA GLU A 159 -17.43 2.67 11.52
C GLU A 159 -17.28 4.03 10.87
N LEU A 160 -17.49 4.09 9.56
CA LEU A 160 -17.45 5.35 8.78
C LEU A 160 -18.89 5.70 8.41
N GLU A 161 -19.30 6.91 8.77
CA GLU A 161 -20.66 7.40 8.54
C GLU A 161 -20.60 8.61 7.64
N ASN A 162 -21.36 8.54 6.55
CA ASN A 162 -21.54 9.69 5.63
C ASN A 162 -22.64 10.57 6.22
N LEU A 163 -22.28 11.69 6.85
CA LEU A 163 -23.22 12.51 7.67
C LEU A 163 -24.28 13.13 6.76
N THR A 164 -24.03 13.17 5.46
CA THR A 164 -24.94 13.76 4.45
C THR A 164 -26.16 12.84 4.23
N THR A 165 -25.96 11.51 4.21
CA THR A 165 -27.00 10.49 3.92
C THR A 165 -27.30 9.60 5.13
N GLN A 166 -26.43 9.58 6.15
CA GLN A 166 -26.58 8.74 7.36
C GLN A 166 -26.37 7.27 7.00
N GLU A 167 -25.78 6.95 5.84
CA GLU A 167 -25.28 5.57 5.58
C GLU A 167 -24.03 5.34 6.43
N THR A 168 -23.80 4.09 6.85
CA THR A 168 -22.60 3.66 7.60
C THR A 168 -21.99 2.46 6.88
N ARG A 169 -20.70 2.27 7.03
CA ARG A 169 -19.97 1.07 6.56
C ARG A 169 -18.95 0.71 7.62
N GLU A 170 -18.66 -0.57 7.69
CA GLU A 170 -17.56 -1.12 8.51
C GLU A 170 -16.29 -1.10 7.64
N ILE A 171 -15.23 -0.46 8.12
CA ILE A 171 -13.86 -0.45 7.52
C ILE A 171 -12.93 -1.23 8.44
N LEU A 172 -12.16 -2.19 7.93
CA LEU A 172 -11.10 -2.86 8.69
C LEU A 172 -9.76 -2.12 8.49
N HIS A 173 -9.09 -1.80 9.57
CA HIS A 173 -7.73 -1.18 9.60
C HIS A 173 -6.69 -2.24 9.95
N PHE A 174 -5.80 -2.59 9.02
CA PHE A 174 -4.73 -3.59 9.23
C PHE A 174 -3.43 -2.83 9.39
N HIS A 175 -2.89 -2.85 10.61
CA HIS A 175 -1.71 -2.00 10.98
C HIS A 175 -0.53 -2.88 11.27
N TYR A 176 0.44 -2.96 10.36
CA TYR A 176 1.70 -3.68 10.58
C TYR A 176 2.62 -2.76 11.40
N THR A 177 2.95 -3.12 12.64
CA THR A 177 3.56 -2.18 13.65
C THR A 177 5.04 -2.43 13.88
N THR A 178 5.67 -3.41 13.25
CA THR A 178 7.03 -3.86 13.63
C THR A 178 8.02 -3.74 12.47
N TRP A 179 7.71 -3.03 11.37
CA TRP A 179 8.78 -2.81 10.36
C TRP A 179 9.87 -1.95 11.05
N PRO A 180 11.17 -2.31 10.96
CA PRO A 180 12.21 -1.55 11.67
C PRO A 180 12.44 -0.14 11.12
N ASP A 181 12.88 0.80 11.98
CA ASP A 181 13.13 2.20 11.61
C ASP A 181 14.16 2.25 10.46
N PHE A 182 15.19 1.41 10.46
CA PHE A 182 16.21 1.29 9.37
C PHE A 182 16.15 -0.13 8.75
N GLY A 183 16.40 -0.21 7.44
CA GLY A 183 16.54 -1.49 6.74
C GLY A 183 15.18 -2.19 6.57
N VAL A 184 15.22 -3.51 6.48
CA VAL A 184 14.02 -4.37 6.18
C VAL A 184 14.02 -5.47 7.23
N PRO A 185 12.90 -6.20 7.47
CA PRO A 185 12.92 -7.29 8.44
C PRO A 185 13.92 -8.38 8.02
N GLU A 186 14.50 -9.06 9.01
CA GLU A 186 15.45 -10.17 8.76
C GLU A 186 14.75 -11.40 8.16
N SER A 187 13.53 -11.74 8.63
CA SER A 187 12.69 -12.82 8.06
C SER A 187 11.38 -12.25 7.50
N PRO A 188 10.87 -12.76 6.35
CA PRO A 188 9.58 -12.31 5.81
C PRO A 188 8.37 -12.97 6.47
N ALA A 189 8.57 -13.78 7.52
CA ALA A 189 7.51 -14.63 8.09
C ALA A 189 6.36 -13.77 8.63
N SER A 190 6.67 -12.76 9.44
CA SER A 190 5.59 -11.96 10.07
C SER A 190 4.89 -11.08 9.01
N PHE A 191 5.62 -10.58 8.02
CA PHE A 191 5.02 -9.81 6.89
C PHE A 191 4.03 -10.67 6.08
N LEU A 192 4.44 -11.91 5.74
CA LEU A 192 3.59 -12.87 4.98
C LEU A 192 2.37 -13.23 5.84
N ASN A 193 2.56 -13.52 7.14
CA ASN A 193 1.42 -13.79 8.06
C ASN A 193 0.41 -12.64 7.93
N PHE A 194 0.90 -11.40 7.95
CA PHE A 194 0.07 -10.18 7.92
C PHE A 194 -0.73 -10.15 6.61
N LEU A 195 -0.03 -10.41 5.51
CA LEU A 195 -0.65 -10.36 4.15
C LEU A 195 -1.80 -11.37 4.11
N PHE A 196 -1.59 -12.56 4.65
CA PHE A 196 -2.59 -13.66 4.68
C PHE A 196 -3.80 -13.25 5.53
N LYS A 197 -3.58 -12.46 6.60
CA LYS A 197 -4.69 -11.92 7.44
C LYS A 197 -5.51 -10.89 6.66
N VAL A 198 -4.85 -10.02 5.91
CA VAL A 198 -5.60 -9.05 5.04
C VAL A 198 -6.43 -9.88 4.02
N ARG A 199 -5.82 -10.84 3.36
CA ARG A 199 -6.57 -11.64 2.33
C ARG A 199 -7.80 -12.29 2.98
N GLU A 200 -7.61 -12.94 4.14
CA GLU A 200 -8.70 -13.70 4.83
C GLU A 200 -9.88 -12.80 5.13
N SER A 201 -9.65 -11.51 5.35
CA SER A 201 -10.69 -10.53 5.71
C SER A 201 -11.68 -10.26 4.57
N GLY A 202 -11.36 -10.56 3.32
CA GLY A 202 -12.22 -10.12 2.19
C GLY A 202 -11.78 -8.79 1.60
N SER A 203 -10.85 -8.06 2.24
CA SER A 203 -10.50 -6.67 1.84
C SER A 203 -9.91 -6.60 0.41
N LEU A 204 -9.31 -7.68 -0.10
CA LEU A 204 -8.58 -7.66 -1.40
C LEU A 204 -9.47 -8.21 -2.50
N SER A 205 -10.69 -8.57 -2.17
CA SER A 205 -11.57 -9.36 -3.06
C SER A 205 -12.42 -8.45 -3.97
N PRO A 206 -12.82 -8.96 -5.16
CA PRO A 206 -13.48 -8.12 -6.15
C PRO A 206 -14.90 -7.65 -5.80
N GLU A 207 -15.50 -8.19 -4.75
CA GLU A 207 -16.83 -7.69 -4.34
C GLU A 207 -16.71 -6.32 -3.63
N HIS A 208 -15.51 -5.85 -3.28
CA HIS A 208 -15.33 -4.51 -2.66
C HIS A 208 -14.56 -3.59 -3.63
N GLY A 209 -14.55 -2.29 -3.41
CA GLY A 209 -13.57 -1.38 -4.00
C GLY A 209 -12.14 -1.73 -3.60
N PRO A 210 -11.13 -1.13 -4.28
CA PRO A 210 -9.75 -1.48 -4.03
C PRO A 210 -9.36 -1.19 -2.56
N VAL A 211 -8.54 -2.06 -1.99
CA VAL A 211 -7.87 -1.81 -0.69
C VAL A 211 -7.05 -0.50 -0.80
N VAL A 212 -7.02 0.30 0.28
CA VAL A 212 -6.11 1.49 0.39
C VAL A 212 -4.86 1.09 1.14
N VAL A 213 -3.67 1.20 0.52
CA VAL A 213 -2.40 0.85 1.15
C VAL A 213 -1.50 2.08 1.30
N HIS A 214 -0.92 2.28 2.48
CA HIS A 214 0.03 3.41 2.69
C HIS A 214 1.19 3.08 3.65
N CYS A 215 2.27 3.85 3.48
CA CYS A 215 3.35 3.97 4.47
C CYS A 215 3.57 5.48 4.66
N SER A 216 4.78 6.00 4.71
CA SER A 216 4.93 7.47 4.73
C SER A 216 4.76 8.06 3.31
N ALA A 217 5.55 7.61 2.32
CA ALA A 217 5.46 8.16 0.94
C ALA A 217 4.48 7.35 0.08
N GLY A 218 4.13 6.13 0.49
CA GLY A 218 3.24 5.25 -0.29
C GLY A 218 3.93 4.63 -1.52
N ILE A 219 5.22 4.34 -1.46
CA ILE A 219 5.94 3.72 -2.62
C ILE A 219 6.86 2.60 -2.17
N GLY A 220 7.45 2.66 -0.97
CA GLY A 220 8.43 1.65 -0.52
C GLY A 220 7.85 0.39 0.11
N ARG A 221 7.55 0.43 1.41
CA ARG A 221 6.84 -0.69 2.08
C ARG A 221 5.55 -1.02 1.33
N SER A 222 4.81 0.00 0.92
CA SER A 222 3.54 -0.14 0.15
C SER A 222 3.77 -0.91 -1.15
N GLY A 223 4.86 -0.61 -1.86
CA GLY A 223 5.27 -1.34 -3.06
C GLY A 223 5.54 -2.81 -2.79
N THR A 224 6.19 -3.11 -1.69
CA THR A 224 6.54 -4.47 -1.30
C THR A 224 5.28 -5.31 -1.05
N PHE A 225 4.31 -4.74 -0.35
CA PHE A 225 3.02 -5.40 -0.04
C PHE A 225 2.31 -5.84 -1.35
N CYS A 226 2.07 -4.90 -2.28
CA CYS A 226 1.31 -5.21 -3.53
C CYS A 226 2.11 -6.11 -4.47
N LEU A 227 3.43 -5.91 -4.56
CA LEU A 227 4.32 -6.76 -5.40
C LEU A 227 4.26 -8.22 -4.89
N ALA A 228 4.41 -8.45 -3.59
CA ALA A 228 4.38 -9.83 -3.05
C ALA A 228 3.01 -10.45 -3.30
N ASP A 229 1.92 -9.73 -3.01
CA ASP A 229 0.54 -10.27 -3.19
C ASP A 229 0.32 -10.72 -4.66
N THR A 230 0.58 -9.83 -5.62
CA THR A 230 0.35 -10.07 -7.07
C THR A 230 1.18 -11.27 -7.53
N CYS A 231 2.41 -11.41 -7.04
CA CYS A 231 3.34 -12.51 -7.44
C CYS A 231 2.80 -13.90 -7.04
N LEU A 232 2.45 -14.09 -5.77
CA LEU A 232 1.97 -15.41 -5.23
C LEU A 232 0.61 -15.76 -5.84
N LEU A 233 -0.24 -14.76 -6.11
CA LEU A 233 -1.59 -14.99 -6.69
C LEU A 233 -1.42 -15.56 -8.10
N LEU A 234 -0.48 -15.00 -8.88
CA LEU A 234 -0.17 -15.38 -10.28
C LEU A 234 0.39 -16.81 -10.37
N MET A 235 0.92 -17.34 -9.25
CA MET A 235 1.47 -18.72 -9.16
C MET A 235 0.34 -19.73 -9.15
N ASP A 236 -0.80 -19.39 -8.56
CA ASP A 236 -2.04 -20.23 -8.57
C ASP A 236 -2.80 -20.04 -9.89
N LYS A 237 -2.53 -18.96 -10.63
CA LYS A 237 -3.29 -18.59 -11.86
C LYS A 237 -2.69 -19.34 -13.06
N ARG A 238 -1.36 -19.44 -13.15
CA ARG A 238 -0.65 -19.89 -14.38
C ARG A 238 -0.39 -21.41 -14.35
N LYS A 239 -0.28 -22.03 -15.53
CA LYS A 239 0.00 -23.48 -15.68
C LYS A 239 1.44 -23.76 -15.26
N ASP A 240 2.35 -22.79 -15.42
CA ASP A 240 3.77 -22.89 -14.94
C ASP A 240 4.11 -21.67 -14.08
N PRO A 241 4.09 -21.79 -12.74
CA PRO A 241 4.48 -20.70 -11.85
C PRO A 241 5.89 -20.14 -12.08
N SER A 242 6.82 -21.01 -12.49
CA SER A 242 8.24 -20.68 -12.73
C SER A 242 8.33 -19.49 -13.70
N SER A 243 7.26 -19.24 -14.46
CA SER A 243 7.20 -18.14 -15.46
C SER A 243 6.96 -16.76 -14.84
N VAL A 244 6.75 -16.68 -13.52
CA VAL A 244 6.42 -15.38 -12.87
C VAL A 244 7.74 -14.64 -12.63
N ASP A 245 7.95 -13.51 -13.31
CA ASP A 245 9.18 -12.71 -13.28
C ASP A 245 8.94 -11.46 -12.41
N ILE A 246 9.47 -11.44 -11.21
CA ILE A 246 9.16 -10.37 -10.22
C ILE A 246 9.59 -9.00 -10.78
N LYS A 247 10.70 -8.95 -11.52
CA LYS A 247 11.20 -7.68 -12.10
C LYS A 247 10.17 -7.18 -13.13
N LYS A 248 9.58 -8.09 -13.93
CA LYS A 248 8.57 -7.68 -14.93
C LYS A 248 7.24 -7.26 -14.27
N VAL A 249 6.88 -7.89 -13.17
CA VAL A 249 5.65 -7.48 -12.43
C VAL A 249 5.87 -6.07 -11.86
N LEU A 250 7.03 -5.83 -11.26
CA LEU A 250 7.39 -4.51 -10.67
C LEU A 250 7.35 -3.43 -11.76
N LEU A 251 7.90 -3.68 -12.95
CA LEU A 251 7.87 -2.63 -14.01
C LEU A 251 6.44 -2.37 -14.47
N GLU A 252 5.60 -3.41 -14.55
CA GLU A 252 4.16 -3.22 -14.85
C GLU A 252 3.53 -2.31 -13.78
N MET A 253 3.76 -2.56 -12.49
CA MET A 253 3.17 -1.74 -11.39
C MET A 253 3.68 -0.30 -11.46
N ARG A 254 4.93 -0.11 -11.87
CA ARG A 254 5.55 1.24 -12.00
C ARG A 254 4.97 2.00 -13.20
N LYS A 255 4.15 1.37 -14.03
CA LYS A 255 3.39 2.17 -15.03
C LYS A 255 2.32 3.00 -14.33
N PHE A 256 1.90 2.61 -13.10
CA PHE A 256 0.75 3.23 -12.38
C PHE A 256 1.15 4.15 -11.22
N ARG A 257 2.31 3.96 -10.61
CA ARG A 257 2.85 4.90 -9.59
C ARG A 257 4.36 4.83 -9.65
N MET A 258 5.02 5.99 -9.58
CA MET A 258 6.49 6.10 -9.64
C MET A 258 7.12 5.51 -8.37
N GLY A 259 8.31 4.95 -8.52
CA GLY A 259 9.25 4.78 -7.39
C GLY A 259 8.98 3.53 -6.51
N LEU A 260 8.03 2.66 -6.87
CA LEU A 260 7.65 1.49 -6.07
C LEU A 260 8.89 0.63 -5.84
N ILE A 261 9.21 0.35 -4.57
CA ILE A 261 10.45 -0.32 -4.08
C ILE A 261 11.55 0.74 -4.13
N GLN A 262 11.91 1.27 -2.97
CA GLN A 262 12.77 2.49 -2.82
C GLN A 262 14.27 2.15 -2.71
N THR A 263 14.65 0.90 -2.42
CA THR A 263 16.05 0.48 -2.15
C THR A 263 16.30 -0.93 -2.67
N ALA A 264 17.60 -1.25 -2.86
CA ALA A 264 18.05 -2.62 -3.25
C ALA A 264 17.70 -3.61 -2.14
N ASP A 265 17.76 -3.20 -0.87
CA ASP A 265 17.35 -4.06 0.26
C ASP A 265 15.85 -4.38 0.20
N GLN A 266 14.97 -3.41 -0.11
CA GLN A 266 13.51 -3.71 -0.30
C GLN A 266 13.31 -4.70 -1.48
N LEU A 267 14.10 -4.56 -2.56
CA LEU A 267 13.95 -5.46 -3.73
C LEU A 267 14.29 -6.88 -3.26
N ARG A 268 15.42 -7.01 -2.56
CA ARG A 268 15.91 -8.31 -2.02
C ARG A 268 14.85 -8.88 -1.08
N PHE A 269 14.31 -8.05 -0.17
CA PHE A 269 13.27 -8.50 0.79
C PHE A 269 12.02 -8.97 0.04
N SER A 270 11.60 -8.28 -1.03
CA SER A 270 10.39 -8.65 -1.82
C SER A 270 10.65 -10.00 -2.52
N TYR A 271 11.82 -10.19 -3.13
CA TYR A 271 12.24 -11.50 -3.68
C TYR A 271 12.09 -12.55 -2.57
N LEU A 272 12.67 -12.26 -1.41
CA LEU A 272 12.68 -13.18 -0.22
C LEU A 272 11.25 -13.52 0.20
N ALA A 273 10.36 -12.53 0.29
CA ALA A 273 8.96 -12.69 0.72
C ALA A 273 8.24 -13.66 -0.24
N VAL A 274 8.44 -13.48 -1.55
CA VAL A 274 7.77 -14.28 -2.61
C VAL A 274 8.37 -15.69 -2.59
N ILE A 275 9.71 -15.79 -2.50
CA ILE A 275 10.46 -17.07 -2.40
C ILE A 275 9.99 -17.79 -1.13
N GLU A 276 10.15 -17.17 0.04
CA GLU A 276 9.78 -17.78 1.34
C GLU A 276 8.27 -17.92 1.41
N GLY A 277 7.56 -17.38 0.40
CA GLY A 277 6.12 -17.58 0.22
C GLY A 277 5.79 -19.05 0.06
N ALA A 278 6.77 -19.86 -0.39
CA ALA A 278 6.70 -21.34 -0.54
C ALA A 278 6.19 -21.96 0.76
N LYS A 279 6.99 -21.85 1.83
CA LYS A 279 6.64 -22.29 3.21
C LYS A 279 5.25 -21.72 3.53
N PHE A 280 4.38 -22.49 4.18
CA PHE A 280 2.98 -22.10 4.45
C PHE A 280 2.30 -21.87 3.09
N ILE A 281 2.58 -22.77 2.13
CA ILE A 281 1.94 -22.89 0.78
C ILE A 281 2.37 -24.26 0.21
N MET A 282 2.58 -24.41 -1.11
CA MET A 282 3.01 -25.68 -1.76
C MET A 282 4.22 -26.30 -1.05
N GLY A 283 4.34 -27.64 -1.10
CA GLY A 283 5.57 -28.40 -0.78
C GLY A 283 5.65 -28.82 0.68
N ASP A 284 5.47 -27.86 1.59
CA ASP A 284 5.47 -28.03 3.07
C ASP A 284 5.41 -26.64 3.73
C TRS B . -6.17 4.59 -17.80
C1 TRS B . -4.73 4.67 -17.27
C2 TRS B . -6.40 3.34 -18.64
C3 TRS B . -6.46 5.82 -18.63
N TRS B . -7.14 4.62 -16.63
O1 TRS B . -4.63 4.15 -15.93
O2 TRS B . -5.49 2.29 -18.31
O3 TRS B . -6.20 7.06 -17.90
H11 TRS B . -4.43 5.61 -17.27
H12 TRS B . -4.14 4.17 -17.85
H21 TRS B . -6.32 3.55 -19.60
H22 TRS B . -7.31 3.01 -18.47
H31 TRS B . -7.41 5.79 -18.89
H32 TRS B . -5.92 5.79 -19.44
HN1 TRS B . -7.85 5.17 -16.81
HN2 TRS B . -6.73 4.95 -15.89
HN3 TRS B . -7.46 3.80 -16.45
HO1 TRS B . -3.78 4.09 -15.57
HO2 TRS B . -5.49 1.56 -18.41
HO3 TRS B . -6.44 6.97 -17.10
C4 UXG C . 0.00 -24.98 -5.72
C5 UXG C . 0.14 -24.73 -7.09
C6 UXG C . 0.55 -25.72 -7.98
C7 UXG C . 0.87 -26.99 -7.52
C8 UXG C . 0.74 -27.27 -6.15
C10 UXG C . 0.53 -22.59 -4.68
C13 UXG C . 2.34 -20.40 -4.34
C15 UXG C . 0.09 -21.29 -4.32
N UXG C . -0.98 -24.23 -3.45
C UXG C . -2.83 -24.57 -2.36
O UXG C . -4.17 -24.39 -2.66
C1 UXG C . -2.06 -25.32 -3.51
C11 UXG C . 1.93 -22.73 -4.85
C12 UXG C . 2.81 -21.67 -4.68
C14 UXG C . 0.97 -20.22 -4.16
C2 UXG C . -2.02 -23.29 -2.77
C3 UXG C . -0.46 -23.77 -4.86
C9 UXG C . 0.32 -26.28 -5.27
H1 UXG C . -0.10 -23.74 -7.49
H2 UXG C . 0.65 -25.50 -9.04
H3 UXG C . 1.19 -27.78 -8.22
H4 UXG C . 0.99 -28.27 -5.80
H5 UXG C . 3.04 -19.55 -4.20
H6 UXG C . -0.96 -21.07 -4.16
H8 UXG C . -2.63 -24.95 -1.33
H9 UXG C . -4.23 -24.01 -3.55
H10 UXG C . -1.71 -26.31 -3.28
H11 UXG C . -2.60 -25.40 -4.49
H12 UXG C . 2.34 -23.71 -5.12
H13 UXG C . 3.88 -21.81 -4.82
H14 UXG C . 0.60 -19.22 -3.88
H15 UXG C . -1.58 -22.70 -1.91
H16 UXG C . -2.52 -22.56 -3.42
H17 UXG C . -1.36 -23.38 -5.34
H18 UXG C . 0.26 -26.59 -4.23
H141 UXG C . -0.16 -24.46 -2.85
#